data_8QQE
#
_entry.id   8QQE
#
_cell.length_a   234.383
_cell.length_b   234.383
_cell.length_c   234.383
_cell.angle_alpha   90
_cell.angle_beta   90
_cell.angle_gamma   90
#
_symmetry.space_group_name_H-M   'I 4 3 2'
#
loop_
_entity.id
_entity.type
_entity.pdbx_description
1 polymer 'Meiotic recombination protein DMC1/LIM15 homolog'
2 polymer 'Breast cancer type 2 susceptibility protein'
3 non-polymer 'MAGNESIUM ION'
4 non-polymer 'CHLORIDE ION'
#
loop_
_entity_poly.entity_id
_entity_poly.type
_entity_poly.pdbx_seq_one_letter_code
_entity_poly.pdbx_strand_id
1 'polypeptide(L)'
;GKEDQVVAEEPGFQDEEESLFQDIDLLQKHGINVADIKKLKSVGICTIKGIQMTTRRALCNVKGLSEAKVDKIKEAANKL
IEPGFLTAFEYSEKRKMVFHITTGSQEFDKLLGGGIESMAITEAFGEFRTGKTQLSHTLCVTAQLPGAGGYPGGKIIFID
TENTFRPDRLRDIADRFNVDHDAVLDNVLYARAYTSEHQMELLDYVAAKFHEEAGIFKLLIIDSIMALFRVDFSGRGELA
ERQQKLAQMLSRLQKISEEYNVAVFVTNQMTADPGATMTFQADPKKPIGGHILAHASTTRISLRKGRGELRIAKIYDSPE
MPENEATFAITAGGIGDAKE
;
A,B
2 'polypeptide(L)' TTGRPTKVFVPPFKTKSHFH C,D
#
loop_
_chem_comp.id
_chem_comp.type
_chem_comp.name
_chem_comp.formula
CL non-polymer 'CHLORIDE ION' 'Cl -1'
MG non-polymer 'MAGNESIUM ION' 'Mg 2'
#
# COMPACT_ATOMS: atom_id res chain seq x y z
N GLN A 28 28.15 -17.52 -7.96
CA GLN A 28 28.58 -18.83 -8.44
C GLN A 28 27.48 -19.89 -8.37
N LYS A 29 26.44 -19.69 -7.55
CA LYS A 29 25.34 -20.64 -7.42
C LYS A 29 24.55 -20.68 -8.74
N HIS A 30 24.30 -19.50 -9.33
CA HIS A 30 23.55 -19.35 -10.58
C HIS A 30 24.32 -19.92 -11.77
N GLY A 31 25.63 -19.67 -11.77
CA GLY A 31 26.53 -20.10 -12.83
C GLY A 31 27.49 -19.03 -13.28
N ILE A 32 27.69 -17.98 -12.44
CA ILE A 32 28.61 -16.89 -12.76
C ILE A 32 30.03 -17.38 -12.52
N ASN A 33 30.91 -17.20 -13.52
CA ASN A 33 32.31 -17.65 -13.49
C ASN A 33 33.12 -17.18 -12.28
N VAL A 34 34.12 -17.98 -11.87
CA VAL A 34 35.01 -17.70 -10.74
C VAL A 34 35.99 -16.57 -11.10
N ALA A 35 36.50 -16.57 -12.34
CA ALA A 35 37.41 -15.54 -12.82
C ALA A 35 36.69 -14.22 -13.17
N ASP A 36 35.37 -14.28 -13.44
CA ASP A 36 34.55 -13.11 -13.76
C ASP A 36 33.98 -12.41 -12.52
N ILE A 37 33.84 -13.13 -11.40
CA ILE A 37 33.36 -12.54 -10.14
C ILE A 37 34.48 -11.71 -9.48
N LYS A 38 35.76 -12.12 -9.66
CA LYS A 38 36.92 -11.41 -9.13
C LYS A 38 37.32 -10.17 -9.97
N LYS A 39 36.75 -10.01 -11.18
CA LYS A 39 37.01 -8.85 -12.03
C LYS A 39 36.38 -7.59 -11.42
N LEU A 40 35.17 -7.72 -10.86
CA LEU A 40 34.44 -6.62 -10.24
C LEU A 40 35.02 -6.20 -8.88
N LYS A 41 35.80 -7.08 -8.22
CA LYS A 41 36.41 -6.77 -6.92
C LYS A 41 37.55 -5.76 -7.05
N SER A 42 38.24 -5.74 -8.21
CA SER A 42 39.36 -4.83 -8.46
C SER A 42 38.93 -3.37 -8.65
N VAL A 43 37.84 -3.13 -9.41
CA VAL A 43 37.35 -1.78 -9.66
C VAL A 43 36.72 -1.14 -8.42
N GLY A 44 36.12 -1.97 -7.55
CA GLY A 44 35.51 -1.47 -6.32
C GLY A 44 34.34 -2.27 -5.80
N ILE A 45 33.66 -3.02 -6.67
CA ILE A 45 32.48 -3.82 -6.27
C ILE A 45 32.83 -4.93 -5.28
N CYS A 46 32.38 -4.78 -4.03
CA CYS A 46 32.66 -5.77 -2.98
C CYS A 46 31.39 -6.29 -2.27
N THR A 47 30.24 -5.62 -2.45
CA THR A 47 28.98 -6.01 -1.82
C THR A 47 27.90 -6.38 -2.86
N ILE A 48 26.84 -7.10 -2.43
CA ILE A 48 25.73 -7.48 -3.30
C ILE A 48 24.87 -6.26 -3.70
N LYS A 49 24.78 -5.26 -2.81
CA LYS A 49 24.03 -4.03 -3.08
C LYS A 49 24.72 -3.13 -4.13
N GLY A 50 26.04 -3.22 -4.22
CA GLY A 50 26.81 -2.46 -5.19
C GLY A 50 26.74 -3.01 -6.60
N ILE A 51 26.30 -4.27 -6.76
CA ILE A 51 26.17 -4.92 -8.07
C ILE A 51 24.90 -4.42 -8.78
N GLN A 52 23.77 -4.41 -8.05
CA GLN A 52 22.48 -3.99 -8.58
C GLN A 52 22.41 -2.47 -8.80
N MET A 53 23.04 -1.70 -7.90
CA MET A 53 23.03 -0.24 -8.00
C MET A 53 23.96 0.30 -9.10
N THR A 54 24.94 -0.50 -9.55
CA THR A 54 25.84 -0.08 -10.62
C THR A 54 25.08 -0.25 -11.94
N THR A 55 24.97 0.83 -12.70
CA THR A 55 24.22 0.87 -13.97
C THR A 55 24.88 0.11 -15.11
N ARG A 56 24.08 -0.25 -16.14
CA ARG A 56 24.55 -0.94 -17.35
C ARG A 56 25.55 -0.08 -18.14
N ARG A 57 25.40 1.25 -18.06
CA ARG A 57 26.26 2.22 -18.74
C ARG A 57 27.67 2.24 -18.12
N ALA A 58 27.77 2.03 -16.79
CA ALA A 58 29.07 2.02 -16.10
C ALA A 58 29.67 0.61 -15.92
N LEU A 59 28.85 -0.45 -16.09
CA LEU A 59 29.31 -1.83 -15.94
C LEU A 59 30.11 -2.34 -17.14
N CYS A 60 29.96 -1.72 -18.31
CA CYS A 60 30.68 -2.14 -19.52
C CYS A 60 32.01 -1.40 -19.72
N ASN A 61 32.60 -0.87 -18.64
CA ASN A 61 33.88 -0.15 -18.68
C ASN A 61 35.00 -0.87 -17.90
N VAL A 62 34.67 -1.94 -17.16
CA VAL A 62 35.65 -2.69 -16.37
C VAL A 62 36.55 -3.56 -17.26
N LEU A 65 34.09 -4.53 -20.32
CA LEU A 65 33.18 -5.67 -20.28
C LEU A 65 32.11 -5.62 -21.37
N SER A 66 31.54 -6.78 -21.71
CA SER A 66 30.49 -6.90 -22.73
C SER A 66 29.09 -6.86 -22.11
N GLU A 67 28.07 -6.40 -22.87
CA GLU A 67 26.70 -6.36 -22.36
C GLU A 67 26.03 -7.74 -22.27
N ALA A 68 26.67 -8.80 -22.79
CA ALA A 68 26.14 -10.16 -22.70
C ALA A 68 26.40 -10.68 -21.27
N LYS A 69 27.60 -10.41 -20.73
CA LYS A 69 28.01 -10.79 -19.37
C LYS A 69 27.42 -9.84 -18.31
N VAL A 70 27.13 -8.58 -18.68
CA VAL A 70 26.54 -7.59 -17.77
C VAL A 70 25.07 -7.95 -17.47
N ASP A 71 24.34 -8.47 -18.48
CA ASP A 71 22.95 -8.90 -18.32
C ASP A 71 22.83 -10.18 -17.46
N LYS A 72 23.91 -10.98 -17.35
CA LYS A 72 23.98 -12.18 -16.53
C LYS A 72 24.33 -11.83 -15.08
N ILE A 73 25.15 -10.79 -14.88
CA ILE A 73 25.55 -10.30 -13.55
C ILE A 73 24.41 -9.49 -12.91
N LYS A 74 23.68 -8.70 -13.73
CA LYS A 74 22.55 -7.89 -13.27
C LYS A 74 21.30 -8.73 -12.97
N GLU A 75 21.13 -9.86 -13.68
CA GLU A 75 19.97 -10.74 -13.46
C GLU A 75 20.14 -11.57 -12.19
N ALA A 76 21.33 -12.14 -11.98
CA ALA A 76 21.64 -12.95 -10.80
C ALA A 76 21.63 -12.11 -9.51
N ALA A 77 21.99 -10.82 -9.60
CA ALA A 77 21.97 -9.92 -8.44
C ALA A 77 20.53 -9.65 -8.02
N ASN A 78 19.62 -9.44 -8.99
CA ASN A 78 18.19 -9.19 -8.76
C ASN A 78 17.46 -10.41 -8.17
N LYS A 79 17.99 -11.62 -8.39
CA LYS A 79 17.40 -12.84 -7.84
C LYS A 79 17.66 -12.89 -6.34
N LEU A 80 18.91 -12.58 -5.92
CA LEU A 80 19.33 -12.62 -4.52
C LEU A 80 18.85 -11.40 -3.71
N ILE A 81 19.05 -10.18 -4.24
CA ILE A 81 18.67 -8.93 -3.57
C ILE A 81 17.14 -8.56 -3.56
N GLU A 82 16.34 -8.92 -4.61
CA GLU A 82 14.90 -8.64 -4.77
C GLU A 82 14.47 -7.18 -4.49
N PRO A 83 14.80 -6.23 -5.39
CA PRO A 83 14.40 -4.83 -5.16
C PRO A 83 12.89 -4.60 -5.07
N GLY A 84 12.11 -5.53 -5.60
CA GLY A 84 10.65 -5.45 -5.52
C GLY A 84 10.01 -4.50 -6.50
N PHE A 85 10.77 -4.08 -7.52
CA PHE A 85 10.22 -3.18 -8.52
C PHE A 85 9.62 -3.87 -9.71
N LEU A 86 8.32 -3.70 -9.85
CA LEU A 86 7.57 -4.23 -10.95
C LEU A 86 6.70 -3.11 -11.49
N THR A 87 6.47 -3.08 -12.81
CA THR A 87 5.65 -2.05 -13.44
C THR A 87 4.19 -2.11 -12.97
N ALA A 88 3.45 -1.01 -13.14
CA ALA A 88 2.03 -0.99 -12.80
C ALA A 88 1.23 -1.96 -13.69
N PHE A 89 1.76 -2.31 -14.88
CA PHE A 89 1.11 -3.30 -15.74
C PHE A 89 1.23 -4.66 -15.07
N GLU A 90 2.43 -5.02 -14.60
CA GLU A 90 2.66 -6.29 -13.90
C GLU A 90 1.86 -6.35 -12.62
N TYR A 91 1.71 -5.21 -11.92
CA TYR A 91 0.90 -5.15 -10.70
C TYR A 91 -0.57 -5.32 -11.04
N SER A 92 -1.03 -4.77 -12.18
CA SER A 92 -2.41 -4.93 -12.61
C SER A 92 -2.74 -6.38 -12.89
N GLU A 93 -1.77 -7.14 -13.45
CA GLU A 93 -1.95 -8.56 -13.72
C GLU A 93 -2.10 -9.35 -12.41
N LYS A 94 -1.38 -8.92 -11.35
CA LYS A 94 -1.46 -9.50 -10.01
C LYS A 94 -2.82 -9.18 -9.39
N ARG A 95 -3.29 -7.92 -9.53
CA ARG A 95 -4.58 -7.49 -8.99
C ARG A 95 -5.79 -8.07 -9.71
N LYS A 96 -5.62 -8.53 -10.96
CA LYS A 96 -6.72 -9.17 -11.70
C LYS A 96 -7.17 -10.48 -11.01
N MET A 97 -6.28 -11.10 -10.20
CA MET A 97 -6.54 -12.33 -9.44
C MET A 97 -7.27 -12.09 -8.12
N VAL A 98 -7.45 -10.82 -7.71
CA VAL A 98 -8.10 -10.47 -6.46
C VAL A 98 -9.55 -10.93 -6.45
N PHE A 99 -9.94 -11.63 -5.40
CA PHE A 99 -11.29 -12.14 -5.25
C PHE A 99 -11.98 -11.64 -3.98
N HIS A 100 -13.26 -11.91 -3.85
CA HIS A 100 -14.02 -11.56 -2.66
C HIS A 100 -14.72 -12.81 -2.15
N ILE A 101 -14.74 -13.01 -0.84
CA ILE A 101 -15.43 -14.15 -0.25
C ILE A 101 -16.69 -13.63 0.38
N THR A 102 -17.85 -14.11 -0.09
CA THR A 102 -19.14 -13.68 0.41
C THR A 102 -19.28 -13.90 1.91
N THR A 103 -19.88 -12.93 2.56
CA THR A 103 -20.15 -13.00 3.99
C THR A 103 -21.40 -13.84 4.30
N GLY A 104 -22.22 -14.15 3.30
CA GLY A 104 -23.49 -14.83 3.47
C GLY A 104 -24.68 -13.88 3.40
N SER A 105 -24.42 -12.57 3.44
CA SER A 105 -25.41 -11.51 3.37
C SER A 105 -25.13 -10.64 2.15
N GLN A 106 -26.12 -10.48 1.27
CA GLN A 106 -25.95 -9.65 0.08
C GLN A 106 -25.72 -8.18 0.43
N GLU A 107 -26.41 -7.67 1.46
CA GLU A 107 -26.26 -6.28 1.90
C GLU A 107 -24.85 -6.02 2.44
N PHE A 108 -24.33 -6.96 3.24
CA PHE A 108 -22.99 -6.88 3.81
C PHE A 108 -21.96 -6.95 2.67
N ASP A 109 -22.19 -7.82 1.68
CA ASP A 109 -21.29 -7.94 0.53
C ASP A 109 -21.24 -6.65 -0.25
N LYS A 110 -22.39 -5.99 -0.48
CA LYS A 110 -22.47 -4.72 -1.21
C LYS A 110 -21.59 -3.66 -0.56
N LEU A 111 -21.62 -3.64 0.78
CA LEU A 111 -20.84 -2.73 1.61
C LEU A 111 -19.34 -2.95 1.41
N LEU A 112 -18.92 -4.21 1.30
CA LEU A 112 -17.52 -4.59 1.13
C LEU A 112 -17.02 -4.64 -0.32
N GLY A 113 -17.90 -4.39 -1.29
CA GLY A 113 -17.54 -4.47 -2.69
C GLY A 113 -17.45 -5.89 -3.21
N GLY A 114 -18.21 -6.79 -2.61
CA GLY A 114 -18.26 -8.20 -2.97
C GLY A 114 -18.07 -9.16 -1.81
N GLY A 115 -17.43 -8.70 -0.75
CA GLY A 115 -17.15 -9.52 0.41
C GLY A 115 -15.74 -9.33 0.93
N ILE A 116 -15.23 -10.32 1.67
CA ILE A 116 -13.88 -10.28 2.22
C ILE A 116 -12.88 -10.35 1.08
N GLU A 117 -12.16 -9.26 0.84
CA GLU A 117 -11.22 -9.13 -0.27
C GLU A 117 -9.86 -9.83 -0.06
N SER A 118 -9.31 -10.46 -1.12
CA SER A 118 -7.99 -11.09 -1.04
C SER A 118 -6.88 -10.03 -1.26
N MET A 119 -5.62 -10.39 -0.91
CA MET A 119 -4.48 -9.46 -0.95
C MET A 119 -4.76 -8.26 -0.06
N ALA A 120 -5.39 -8.52 1.12
CA ALA A 120 -5.81 -7.51 2.08
C ALA A 120 -6.23 -8.13 3.41
N ILE A 121 -6.11 -7.34 4.50
CA ILE A 121 -6.54 -7.71 5.83
C ILE A 121 -7.83 -6.97 6.15
N THR A 122 -8.87 -7.71 6.49
CA THR A 122 -10.15 -7.13 6.86
C THR A 122 -10.32 -7.39 8.35
N GLU A 123 -10.59 -6.35 9.12
CA GLU A 123 -10.74 -6.47 10.56
C GLU A 123 -12.16 -6.18 10.97
N ALA A 124 -12.73 -7.02 11.83
CA ALA A 124 -14.08 -6.81 12.32
C ALA A 124 -14.06 -6.73 13.83
N PHE A 125 -14.62 -5.66 14.40
CA PHE A 125 -14.63 -5.50 15.85
C PHE A 125 -16.00 -5.02 16.37
N GLY A 126 -16.21 -5.15 17.67
CA GLY A 126 -17.44 -4.73 18.35
C GLY A 126 -17.57 -5.37 19.71
N GLU A 127 -18.81 -5.49 20.20
CA GLU A 127 -19.05 -6.16 21.48
C GLU A 127 -19.04 -7.71 21.30
N PHE A 128 -19.00 -8.47 22.42
CA PHE A 128 -19.03 -9.93 22.36
C PHE A 128 -20.36 -10.44 21.81
N ARG A 129 -21.47 -9.73 22.13
CA ARG A 129 -22.81 -10.12 21.69
C ARG A 129 -23.02 -10.00 20.16
N THR A 130 -22.17 -9.18 19.48
CA THR A 130 -22.22 -8.99 18.02
C THR A 130 -21.65 -10.24 17.29
N GLY A 131 -21.90 -10.34 15.99
CA GLY A 131 -21.52 -11.50 15.20
C GLY A 131 -20.12 -11.63 14.65
N LYS A 132 -19.09 -11.37 15.46
CA LYS A 132 -17.71 -11.55 15.01
C LYS A 132 -17.44 -13.05 14.83
N THR A 133 -17.86 -13.87 15.80
CA THR A 133 -17.65 -15.32 15.72
C THR A 133 -18.56 -15.96 14.68
N GLN A 134 -19.77 -15.41 14.49
CA GLN A 134 -20.67 -15.91 13.47
C GLN A 134 -20.10 -15.65 12.09
N LEU A 135 -19.50 -14.48 11.87
CA LEU A 135 -18.88 -14.15 10.59
C LEU A 135 -17.65 -15.03 10.36
N SER A 136 -16.87 -15.31 11.42
CA SER A 136 -15.70 -16.17 11.32
C SER A 136 -16.12 -17.57 10.89
N HIS A 137 -17.15 -18.12 11.54
CA HIS A 137 -17.62 -19.45 11.22
C HIS A 137 -18.31 -19.52 9.86
N THR A 138 -19.06 -18.48 9.47
CA THR A 138 -19.72 -18.46 8.17
C THR A 138 -18.70 -18.49 7.05
N LEU A 139 -17.63 -17.69 7.18
CA LEU A 139 -16.57 -17.63 6.18
C LEU A 139 -15.88 -18.99 6.02
N CYS A 140 -15.81 -19.80 7.09
CA CYS A 140 -15.22 -21.14 6.99
C CYS A 140 -15.95 -22.01 5.95
N VAL A 141 -17.24 -21.73 5.72
CA VAL A 141 -18.04 -22.46 4.75
C VAL A 141 -18.14 -21.73 3.43
N THR A 142 -18.49 -20.42 3.44
CA THR A 142 -18.60 -19.66 2.19
C THR A 142 -17.31 -19.58 1.39
N ALA A 143 -16.13 -19.64 2.06
CA ALA A 143 -14.86 -19.63 1.33
C ALA A 143 -14.64 -20.92 0.52
N GLN A 144 -15.35 -22.00 0.85
CA GLN A 144 -15.25 -23.26 0.10
C GLN A 144 -16.25 -23.32 -1.08
N LEU A 145 -17.17 -22.36 -1.19
CA LEU A 145 -18.19 -22.38 -2.21
C LEU A 145 -17.81 -21.55 -3.38
N PRO A 146 -18.04 -22.07 -4.60
CA PRO A 146 -17.80 -21.25 -5.79
C PRO A 146 -18.69 -20.00 -5.76
N GLY A 147 -18.12 -18.86 -6.10
CA GLY A 147 -18.85 -17.60 -6.05
C GLY A 147 -18.72 -16.74 -7.28
N ALA A 148 -19.10 -15.46 -7.12
CA ALA A 148 -19.08 -14.47 -8.21
C ALA A 148 -17.66 -14.21 -8.71
N GLY A 149 -17.58 -13.76 -9.97
CA GLY A 149 -16.30 -13.44 -10.61
C GLY A 149 -15.39 -14.64 -10.81
N GLY A 150 -16.01 -15.82 -10.89
CA GLY A 150 -15.32 -17.09 -11.10
C GLY A 150 -14.55 -17.57 -9.90
N TYR A 151 -14.92 -17.11 -8.67
CA TYR A 151 -14.26 -17.55 -7.44
C TYR A 151 -14.51 -19.05 -7.29
N PRO A 152 -13.46 -19.88 -7.27
CA PRO A 152 -13.68 -21.34 -7.27
C PRO A 152 -13.89 -22.00 -5.91
N GLY A 153 -13.64 -21.28 -4.84
CA GLY A 153 -13.67 -21.86 -3.51
C GLY A 153 -12.30 -22.40 -3.17
N GLY A 154 -12.02 -22.52 -1.88
CA GLY A 154 -10.73 -23.03 -1.43
C GLY A 154 -10.69 -23.38 0.03
N LYS A 155 -9.54 -23.87 0.47
CA LYS A 155 -9.34 -24.26 1.86
C LYS A 155 -9.09 -23.04 2.77
N ILE A 156 -9.26 -23.23 4.09
CA ILE A 156 -9.13 -22.15 5.06
C ILE A 156 -8.17 -22.53 6.18
N ILE A 157 -7.48 -21.54 6.75
CA ILE A 157 -6.64 -21.77 7.92
C ILE A 157 -7.23 -20.89 9.02
N PHE A 158 -7.62 -21.51 10.14
CA PHE A 158 -8.22 -20.82 11.27
C PHE A 158 -7.27 -20.87 12.47
N ILE A 159 -6.78 -19.68 12.90
CA ILE A 159 -5.92 -19.53 14.07
C ILE A 159 -6.78 -18.98 15.18
N ASP A 160 -6.94 -19.78 16.23
CA ASP A 160 -7.81 -19.47 17.35
C ASP A 160 -7.05 -19.11 18.59
N THR A 161 -7.24 -17.89 19.06
CA THR A 161 -6.62 -17.41 20.31
C THR A 161 -7.63 -17.35 21.49
N GLU A 162 -8.95 -17.43 21.18
CA GLU A 162 -10.03 -17.30 22.15
C GLU A 162 -10.66 -18.61 22.63
N ASN A 163 -10.32 -19.76 22.01
CA ASN A 163 -10.95 -21.05 22.28
C ASN A 163 -12.45 -20.94 21.96
N THR A 164 -12.78 -20.33 20.81
CA THR A 164 -14.16 -20.14 20.38
C THR A 164 -14.54 -20.93 19.14
N PHE A 165 -13.55 -21.47 18.41
CA PHE A 165 -13.84 -22.24 17.20
C PHE A 165 -14.60 -23.51 17.56
N ARG A 166 -15.76 -23.69 16.94
CA ARG A 166 -16.60 -24.83 17.21
C ARG A 166 -16.98 -25.50 15.90
N PRO A 167 -16.36 -26.64 15.55
CA PRO A 167 -16.72 -27.29 14.28
C PRO A 167 -18.20 -27.67 14.17
N ASP A 168 -18.86 -27.94 15.31
CA ASP A 168 -20.28 -28.25 15.29
C ASP A 168 -21.12 -27.07 14.73
N ARG A 169 -20.64 -25.84 14.91
CA ARG A 169 -21.25 -24.61 14.41
C ARG A 169 -21.21 -24.59 12.87
N LEU A 170 -20.14 -25.13 12.28
CA LEU A 170 -19.98 -25.20 10.83
C LEU A 170 -20.95 -26.19 10.19
N ARG A 171 -21.40 -27.21 10.92
CA ARG A 171 -22.33 -28.18 10.38
C ARG A 171 -23.67 -27.54 10.08
N ASP A 172 -24.16 -26.65 10.97
CA ASP A 172 -25.42 -25.94 10.75
C ASP A 172 -25.32 -24.97 9.57
N ILE A 173 -24.15 -24.35 9.38
CA ILE A 173 -23.91 -23.43 8.27
C ILE A 173 -23.78 -24.21 6.95
N ALA A 174 -23.13 -25.39 6.99
CA ALA A 174 -23.02 -26.27 5.83
C ALA A 174 -24.40 -26.75 5.40
N ASP A 175 -25.31 -26.99 6.36
CA ASP A 175 -26.69 -27.39 6.06
C ASP A 175 -27.42 -26.29 5.31
N ARG A 176 -27.18 -25.03 5.68
CA ARG A 176 -27.80 -23.89 5.02
C ARG A 176 -27.32 -23.78 3.58
N PHE A 177 -26.02 -24.03 3.33
CA PHE A 177 -25.49 -23.97 1.97
C PHE A 177 -25.59 -25.30 1.19
N ASN A 178 -26.21 -26.33 1.80
CA ASN A 178 -26.48 -27.67 1.24
C ASN A 178 -25.20 -28.40 0.83
N VAL A 179 -24.18 -28.33 1.71
CA VAL A 179 -22.87 -28.90 1.46
C VAL A 179 -22.49 -29.93 2.56
N ASP A 180 -21.73 -30.99 2.20
CA ASP A 180 -21.36 -32.06 3.15
C ASP A 180 -20.58 -31.59 4.37
N HIS A 181 -20.95 -32.08 5.56
CA HIS A 181 -20.30 -31.69 6.81
C HIS A 181 -18.83 -32.11 6.86
N ASP A 182 -18.54 -33.38 6.59
CA ASP A 182 -17.17 -33.89 6.65
C ASP A 182 -16.25 -33.23 5.63
N ALA A 183 -16.79 -32.89 4.46
CA ALA A 183 -16.01 -32.23 3.42
C ALA A 183 -15.67 -30.81 3.84
N VAL A 184 -16.62 -30.10 4.46
CA VAL A 184 -16.38 -28.74 4.96
C VAL A 184 -15.29 -28.78 6.03
N LEU A 185 -15.42 -29.72 6.96
CA LEU A 185 -14.47 -29.85 8.05
C LEU A 185 -13.08 -30.30 7.59
N ASP A 186 -12.99 -31.06 6.50
CA ASP A 186 -11.69 -31.49 5.99
C ASP A 186 -10.92 -30.36 5.28
N ASN A 187 -11.63 -29.34 4.81
CA ASN A 187 -11.01 -28.21 4.12
C ASN A 187 -10.64 -27.04 5.04
N VAL A 188 -10.79 -27.20 6.35
CA VAL A 188 -10.42 -26.14 7.29
C VAL A 188 -9.29 -26.66 8.15
N LEU A 189 -8.16 -25.96 8.15
CA LEU A 189 -7.01 -26.30 8.97
C LEU A 189 -7.12 -25.44 10.23
N TYR A 190 -6.81 -26.01 11.39
CA TYR A 190 -6.99 -25.33 12.66
C TYR A 190 -5.79 -25.39 13.57
N ALA A 191 -5.56 -24.31 14.32
CA ALA A 191 -4.50 -24.24 15.31
C ALA A 191 -4.86 -23.30 16.44
N ARG A 192 -4.58 -23.71 17.67
CA ARG A 192 -4.79 -22.87 18.84
C ARG A 192 -3.50 -22.15 19.12
N ALA A 193 -3.55 -20.84 19.34
CA ALA A 193 -2.35 -20.09 19.72
C ALA A 193 -2.50 -19.78 21.21
N TYR A 194 -1.51 -20.15 22.03
CA TYR A 194 -1.59 -19.91 23.46
C TYR A 194 -0.82 -18.67 23.92
N THR A 195 0.18 -18.23 23.14
CA THR A 195 1.00 -17.06 23.44
C THR A 195 1.18 -16.21 22.18
N SER A 196 1.62 -14.95 22.33
CA SER A 196 1.88 -14.08 21.16
C SER A 196 3.03 -14.65 20.33
N GLU A 197 4.04 -15.23 21.00
CA GLU A 197 5.17 -15.84 20.32
C GLU A 197 4.69 -17.02 19.48
N HIS A 198 3.81 -17.86 20.04
CA HIS A 198 3.24 -19.02 19.36
C HIS A 198 2.40 -18.57 18.18
N GLN A 199 1.64 -17.48 18.33
CA GLN A 199 0.81 -16.92 17.26
C GLN A 199 1.68 -16.53 16.05
N MET A 200 2.84 -15.93 16.33
CA MET A 200 3.77 -15.52 15.29
C MET A 200 4.44 -16.73 14.64
N GLU A 201 4.80 -17.75 15.43
CA GLU A 201 5.39 -18.99 14.91
C GLU A 201 4.41 -19.71 13.99
N LEU A 202 3.10 -19.64 14.31
CA LEU A 202 2.07 -20.25 13.49
C LEU A 202 2.03 -19.62 12.12
N LEU A 203 2.29 -18.31 12.00
CA LEU A 203 2.34 -17.66 10.70
C LEU A 203 3.46 -18.17 9.80
N ASP A 204 4.51 -18.75 10.39
CA ASP A 204 5.59 -19.36 9.60
C ASP A 204 5.06 -20.65 8.97
N TYR A 205 4.29 -21.44 9.73
CA TYR A 205 3.69 -22.67 9.21
C TYR A 205 2.59 -22.38 8.20
N VAL A 206 1.85 -21.27 8.38
CA VAL A 206 0.81 -20.84 7.46
C VAL A 206 1.42 -20.53 6.10
N ALA A 207 2.52 -19.76 6.07
CA ALA A 207 3.18 -19.41 4.83
C ALA A 207 3.69 -20.65 4.10
N ALA A 208 4.26 -21.61 4.86
CA ALA A 208 4.77 -22.85 4.29
C ALA A 208 3.65 -23.72 3.74
N LYS A 209 2.49 -23.74 4.41
CA LYS A 209 1.33 -24.52 3.95
C LYS A 209 0.76 -23.93 2.67
N PHE A 210 0.70 -22.59 2.58
CA PHE A 210 0.24 -21.90 1.39
C PHE A 210 1.18 -22.17 0.21
N HIS A 211 2.49 -22.23 0.49
CA HIS A 211 3.51 -22.50 -0.49
C HIS A 211 3.45 -23.97 -1.02
N GLU A 212 2.98 -24.93 -0.19
CA GLU A 212 2.85 -26.34 -0.57
C GLU A 212 1.71 -26.53 -1.57
N GLU A 213 0.46 -26.24 -1.14
CA GLU A 213 -0.74 -26.38 -1.95
C GLU A 213 -1.02 -25.01 -2.57
N ALA A 214 -0.24 -24.64 -3.61
CA ALA A 214 -0.35 -23.33 -4.26
C ALA A 214 -1.71 -23.12 -4.88
N GLY A 215 -2.34 -22.01 -4.52
CA GLY A 215 -3.67 -21.67 -5.03
C GLY A 215 -4.81 -22.48 -4.44
N ILE A 216 -4.52 -23.35 -3.46
CA ILE A 216 -5.53 -24.18 -2.82
C ILE A 216 -6.23 -23.42 -1.71
N PHE A 217 -5.46 -22.77 -0.83
CA PHE A 217 -6.03 -22.01 0.28
C PHE A 217 -6.43 -20.62 -0.15
N LYS A 218 -7.59 -20.14 0.32
CA LYS A 218 -8.08 -18.81 -0.05
C LYS A 218 -8.35 -17.89 1.12
N LEU A 219 -8.39 -18.41 2.35
CA LEU A 219 -8.71 -17.59 3.51
C LEU A 219 -7.92 -17.94 4.76
N LEU A 220 -7.42 -16.92 5.45
CA LEU A 220 -6.73 -17.06 6.72
C LEU A 220 -7.52 -16.26 7.75
N ILE A 221 -8.05 -16.95 8.78
CA ILE A 221 -8.82 -16.29 9.82
C ILE A 221 -8.00 -16.28 11.10
N ILE A 222 -7.93 -15.13 11.76
CA ILE A 222 -7.25 -15.03 13.04
C ILE A 222 -8.24 -14.45 14.03
N ASP A 223 -8.77 -15.30 14.89
CA ASP A 223 -9.76 -14.89 15.89
C ASP A 223 -9.21 -15.18 17.29
N SER A 224 -8.71 -14.17 18.01
CA SER A 224 -8.62 -12.78 17.58
C SER A 224 -7.16 -12.37 17.35
N ILE A 225 -6.96 -11.27 16.61
CA ILE A 225 -5.63 -10.82 16.23
C ILE A 225 -4.75 -10.34 17.38
N MET A 226 -5.34 -9.69 18.40
CA MET A 226 -4.55 -9.04 19.43
C MET A 226 -4.69 -9.43 20.87
N ALA A 227 -5.64 -10.29 21.23
CA ALA A 227 -5.84 -10.63 22.64
C ALA A 227 -4.60 -11.16 23.32
N LEU A 228 -3.80 -11.97 22.62
CA LEU A 228 -2.57 -12.50 23.18
C LEU A 228 -1.51 -11.43 23.40
N PHE A 229 -1.51 -10.37 22.60
CA PHE A 229 -0.55 -9.29 22.76
C PHE A 229 -0.83 -8.47 24.00
N ARG A 230 -2.12 -8.25 24.31
CA ARG A 230 -2.49 -7.55 25.54
C ARG A 230 -2.09 -8.39 26.76
N VAL A 231 -2.28 -9.71 26.68
CA VAL A 231 -1.96 -10.67 27.74
C VAL A 231 -0.46 -10.77 28.03
N ASP A 232 0.36 -10.97 26.99
CA ASP A 232 1.80 -11.14 27.17
C ASP A 232 2.53 -9.87 27.58
N PHE A 233 1.98 -8.70 27.22
CA PHE A 233 2.61 -7.41 27.53
C PHE A 233 1.59 -6.51 28.26
N SER A 234 1.28 -6.90 29.52
CA SER A 234 0.32 -6.24 30.40
C SER A 234 0.91 -5.18 31.33
N GLY A 235 2.09 -4.69 30.99
CA GLY A 235 2.74 -3.63 31.75
C GLY A 235 2.93 -2.40 30.89
N ARG A 236 3.10 -1.24 31.52
CA ARG A 236 3.31 0.01 30.79
C ARG A 236 4.72 0.09 30.17
N GLY A 237 5.70 -0.54 30.83
CA GLY A 237 7.08 -0.60 30.36
C GLY A 237 7.28 -1.58 29.22
N GLU A 238 6.49 -2.66 29.21
CA GLU A 238 6.52 -3.68 28.15
C GLU A 238 5.71 -3.30 26.89
N LEU A 239 5.20 -2.06 26.81
CA LEU A 239 4.41 -1.63 25.66
C LEU A 239 5.27 -1.42 24.42
N ALA A 240 6.55 -1.05 24.59
CA ALA A 240 7.46 -0.84 23.47
C ALA A 240 7.71 -2.14 22.70
N GLU A 241 7.99 -3.24 23.43
CA GLU A 241 8.20 -4.53 22.78
C GLU A 241 6.90 -5.12 22.25
N ARG A 242 5.76 -4.79 22.88
CA ARG A 242 4.44 -5.24 22.43
C ARG A 242 4.16 -4.64 21.06
N GLN A 243 4.41 -3.33 20.91
CA GLN A 243 4.17 -2.62 19.65
C GLN A 243 5.05 -3.14 18.54
N GLN A 244 6.31 -3.45 18.86
CA GLN A 244 7.27 -3.96 17.90
C GLN A 244 6.86 -5.34 17.42
N LYS A 245 6.50 -6.25 18.35
CA LYS A 245 6.09 -7.60 18.00
C LYS A 245 4.78 -7.62 17.24
N LEU A 246 3.85 -6.72 17.61
CA LEU A 246 2.56 -6.59 16.94
C LEU A 246 2.75 -6.09 15.51
N ALA A 247 3.60 -5.07 15.32
CA ALA A 247 3.88 -4.54 13.99
C ALA A 247 4.59 -5.55 13.12
N GLN A 248 5.48 -6.36 13.70
CA GLN A 248 6.20 -7.39 12.96
C GLN A 248 5.24 -8.45 12.43
N MET A 249 4.25 -8.82 13.25
CA MET A 249 3.28 -9.83 12.85
C MET A 249 2.35 -9.29 11.77
N LEU A 250 1.87 -8.07 11.95
CA LEU A 250 0.95 -7.46 10.99
C LEU A 250 1.59 -7.18 9.64
N SER A 251 2.87 -6.77 9.61
CA SER A 251 3.54 -6.55 8.33
C SER A 251 3.77 -7.91 7.63
N ARG A 252 4.04 -8.99 8.39
CA ARG A 252 4.18 -10.32 7.84
C ARG A 252 2.82 -10.79 7.28
N LEU A 253 1.74 -10.51 8.00
CA LEU A 253 0.38 -10.85 7.61
C LEU A 253 0.01 -10.21 6.29
N GLN A 254 0.37 -8.92 6.10
CA GLN A 254 0.08 -8.23 4.85
C GLN A 254 0.84 -8.89 3.71
N LYS A 255 2.13 -9.24 3.95
CA LYS A 255 2.97 -9.90 2.96
C LYS A 255 2.41 -11.26 2.58
N ILE A 256 1.86 -12.02 3.54
CA ILE A 256 1.28 -13.33 3.26
C ILE A 256 0.04 -13.16 2.37
N SER A 257 -0.83 -12.19 2.71
CA SER A 257 -2.06 -11.94 1.95
C SER A 257 -1.77 -11.52 0.52
N GLU A 258 -0.74 -10.71 0.31
CA GLU A 258 -0.39 -10.19 -1.02
C GLU A 258 0.46 -11.16 -1.85
N GLU A 259 1.40 -11.89 -1.21
CA GLU A 259 2.25 -12.83 -1.94
C GLU A 259 1.49 -14.09 -2.32
N TYR A 260 0.59 -14.57 -1.47
CA TYR A 260 -0.15 -15.79 -1.74
C TYR A 260 -1.59 -15.59 -2.19
N ASN A 261 -2.02 -14.33 -2.44
CA ASN A 261 -3.38 -14.00 -2.86
C ASN A 261 -4.46 -14.66 -2.02
N VAL A 262 -4.48 -14.35 -0.73
CA VAL A 262 -5.48 -14.88 0.17
C VAL A 262 -6.15 -13.73 0.89
N ALA A 263 -7.39 -13.95 1.31
CA ALA A 263 -8.12 -12.96 2.10
C ALA A 263 -7.73 -13.23 3.54
N VAL A 264 -7.41 -12.17 4.31
CA VAL A 264 -7.08 -12.36 5.71
C VAL A 264 -8.18 -11.70 6.51
N PHE A 265 -8.89 -12.48 7.34
CA PHE A 265 -9.97 -11.94 8.15
C PHE A 265 -9.60 -12.06 9.60
N VAL A 266 -9.56 -10.92 10.31
CA VAL A 266 -9.21 -10.93 11.72
C VAL A 266 -10.29 -10.25 12.56
N THR A 267 -10.49 -10.76 13.78
CA THR A 267 -11.43 -10.15 14.70
C THR A 267 -10.67 -9.37 15.77
N ASN A 268 -11.32 -8.38 16.36
CA ASN A 268 -10.67 -7.54 17.35
C ASN A 268 -11.60 -7.12 18.49
N GLN A 269 -11.02 -6.76 19.63
CA GLN A 269 -11.78 -6.30 20.80
C GLN A 269 -11.83 -4.76 20.85
N MET A 270 -12.67 -4.21 21.73
CA MET A 270 -12.77 -2.76 21.91
C MET A 270 -12.52 -2.35 23.37
N THR A 271 -12.17 -1.07 23.59
CA THR A 271 -11.94 -0.51 24.93
C THR A 271 -12.61 0.85 25.07
N LYS A 286 -13.79 2.20 21.25
CA LYS A 286 -12.83 2.23 20.15
C LYS A 286 -12.08 0.91 20.05
N PRO A 287 -11.71 0.46 18.82
CA PRO A 287 -10.98 -0.82 18.71
C PRO A 287 -9.57 -0.74 19.27
N ILE A 288 -9.07 -1.85 19.81
CA ILE A 288 -7.71 -1.87 20.36
C ILE A 288 -6.66 -2.00 19.25
N GLY A 289 -5.41 -1.66 19.55
CA GLY A 289 -4.34 -1.77 18.56
C GLY A 289 -3.75 -0.48 18.06
N GLY A 290 -4.43 0.63 18.32
CA GLY A 290 -3.99 1.95 17.93
C GLY A 290 -3.73 2.09 16.44
N HIS A 291 -2.71 2.87 16.08
CA HIS A 291 -2.35 3.10 14.69
C HIS A 291 -1.77 1.84 14.02
N ILE A 292 -1.15 0.94 14.78
CA ILE A 292 -0.56 -0.29 14.22
C ILE A 292 -1.59 -1.15 13.51
N LEU A 293 -2.70 -1.48 14.20
CA LEU A 293 -3.75 -2.28 13.59
C LEU A 293 -4.53 -1.50 12.56
N ALA A 294 -4.75 -0.21 12.78
CA ALA A 294 -5.48 0.63 11.83
C ALA A 294 -4.79 0.69 10.48
N HIS A 295 -3.45 0.75 10.51
CA HIS A 295 -2.65 0.82 9.30
C HIS A 295 -2.65 -0.51 8.54
N ALA A 296 -2.41 -1.62 9.26
CA ALA A 296 -2.34 -2.96 8.67
C ALA A 296 -3.61 -3.41 7.98
N SER A 297 -4.76 -3.06 8.57
CA SER A 297 -6.04 -3.43 8.01
C SER A 297 -6.39 -2.50 6.88
N THR A 298 -6.79 -3.07 5.75
CA THR A 298 -7.21 -2.29 4.60
C THR A 298 -8.70 -1.90 4.75
N THR A 299 -9.51 -2.81 5.34
CA THR A 299 -10.93 -2.57 5.59
C THR A 299 -11.23 -2.86 7.05
N ARG A 300 -11.83 -1.90 7.76
CA ARG A 300 -12.18 -2.10 9.17
C ARG A 300 -13.69 -2.00 9.30
N ILE A 301 -14.31 -3.01 9.89
CA ILE A 301 -15.76 -3.08 10.06
C ILE A 301 -16.15 -3.08 11.50
N SER A 302 -17.03 -2.16 11.87
CA SER A 302 -17.58 -2.05 13.21
C SER A 302 -18.91 -2.78 13.21
N LEU A 303 -19.07 -3.77 14.10
CA LEU A 303 -20.31 -4.52 14.21
C LEU A 303 -21.07 -4.12 15.46
N ARG A 304 -22.36 -3.86 15.32
CA ARG A 304 -23.19 -3.48 16.46
C ARG A 304 -24.59 -4.08 16.37
N LYS A 305 -25.27 -4.17 17.51
CA LYS A 305 -26.63 -4.71 17.52
C LYS A 305 -27.62 -3.66 17.03
N GLY A 306 -28.57 -4.10 16.23
CA GLY A 306 -29.63 -3.26 15.69
C GLY A 306 -30.95 -3.56 16.34
N ARG A 307 -32.06 -3.42 15.60
CA ARG A 307 -33.39 -3.70 16.13
C ARG A 307 -33.56 -5.20 16.43
N GLY A 308 -33.89 -5.52 17.67
CA GLY A 308 -34.08 -6.90 18.11
C GLY A 308 -32.90 -7.81 17.84
N GLU A 309 -33.08 -8.79 16.94
CA GLU A 309 -32.02 -9.73 16.58
C GLU A 309 -31.18 -9.33 15.36
N LEU A 310 -31.49 -8.17 14.74
CA LEU A 310 -30.73 -7.68 13.57
C LEU A 310 -29.39 -7.07 13.98
N ARG A 311 -28.43 -7.00 13.05
CA ARG A 311 -27.11 -6.43 13.30
C ARG A 311 -26.74 -5.40 12.23
N ILE A 312 -25.85 -4.46 12.56
CA ILE A 312 -25.40 -3.43 11.63
C ILE A 312 -23.89 -3.47 11.46
N ALA A 313 -23.42 -3.40 10.21
CA ALA A 313 -21.99 -3.35 9.91
C ALA A 313 -21.68 -1.98 9.31
N LYS A 314 -20.60 -1.33 9.75
CA LYS A 314 -20.23 -0.01 9.25
C LYS A 314 -18.72 0.06 9.02
N ILE A 315 -18.26 0.82 8.00
CA ILE A 315 -16.83 1.01 7.78
C ILE A 315 -16.36 1.99 8.87
N TYR A 316 -15.40 1.58 9.70
CA TYR A 316 -14.90 2.42 10.78
C TYR A 316 -14.23 3.68 10.28
N ASP A 317 -14.40 4.78 11.04
CA ASP A 317 -13.86 6.12 10.80
C ASP A 317 -14.43 6.82 9.54
N SER A 318 -15.35 6.16 8.81
CA SER A 318 -15.99 6.72 7.63
C SER A 318 -17.08 7.74 8.02
N PRO A 319 -17.46 8.68 7.13
CA PRO A 319 -18.50 9.66 7.50
C PRO A 319 -19.87 9.04 7.78
N GLU A 320 -20.71 9.76 8.52
CA GLU A 320 -22.04 9.25 8.85
C GLU A 320 -23.01 9.36 7.68
N MET A 321 -22.98 8.36 6.78
CA MET A 321 -23.81 8.28 5.58
C MET A 321 -24.34 6.84 5.39
N PRO A 322 -25.54 6.69 4.77
CA PRO A 322 -26.12 5.35 4.61
C PRO A 322 -25.32 4.34 3.78
N GLU A 323 -24.60 4.81 2.75
CA GLU A 323 -23.79 3.92 1.91
C GLU A 323 -22.63 3.26 2.67
N ASN A 324 -22.22 3.84 3.81
CA ASN A 324 -21.16 3.25 4.64
C ASN A 324 -21.72 2.28 5.71
N GLU A 325 -23.02 1.93 5.64
CA GLU A 325 -23.66 1.02 6.59
C GLU A 325 -24.51 -0.06 5.90
N ALA A 326 -24.68 -1.23 6.56
CA ALA A 326 -25.47 -2.34 6.02
C ALA A 326 -26.14 -3.16 7.13
N THR A 327 -27.38 -3.61 6.89
CA THR A 327 -28.11 -4.41 7.89
C THR A 327 -28.06 -5.90 7.53
N PHE A 328 -27.76 -6.75 8.53
CA PHE A 328 -27.70 -8.18 8.32
C PHE A 328 -28.32 -8.97 9.49
N ALA A 329 -28.53 -10.28 9.32
CA ALA A 329 -29.11 -11.11 10.36
C ALA A 329 -28.21 -12.28 10.74
N ILE A 330 -28.36 -12.78 11.97
CA ILE A 330 -27.59 -13.92 12.44
C ILE A 330 -28.56 -15.04 12.74
N THR A 331 -28.36 -16.18 12.11
CA THR A 331 -29.22 -17.35 12.28
C THR A 331 -28.36 -18.60 12.60
N ALA A 332 -29.00 -19.76 12.83
CA ALA A 332 -28.25 -21.00 13.02
C ALA A 332 -27.41 -21.35 11.77
N GLY A 333 -27.80 -20.83 10.60
CA GLY A 333 -27.08 -21.02 9.35
C GLY A 333 -26.04 -19.97 9.04
N GLY A 334 -25.68 -19.17 10.04
CA GLY A 334 -24.66 -18.13 9.93
C GLY A 334 -25.16 -16.76 9.54
N ILE A 335 -24.25 -15.91 9.03
CA ILE A 335 -24.58 -14.55 8.60
C ILE A 335 -25.48 -14.62 7.38
N GLY A 336 -26.60 -13.93 7.44
CA GLY A 336 -27.55 -13.89 6.33
C GLY A 336 -28.21 -12.54 6.20
N ASP A 337 -29.26 -12.45 5.37
CA ASP A 337 -29.98 -11.19 5.20
C ASP A 337 -31.20 -11.10 6.12
N ALA A 338 -31.65 -9.87 6.37
CA ALA A 338 -32.82 -9.64 7.21
C ALA A 338 -34.10 -10.19 6.56
N LYS A 339 -35.06 -10.62 7.39
CA LYS A 339 -36.33 -11.20 6.94
C LYS A 339 -37.12 -10.20 6.10
N ILE B 81 38.77 13.90 -0.16
CA ILE B 81 37.39 14.33 -0.32
C ILE B 81 37.35 15.84 -0.21
N GLU B 82 36.65 16.46 -1.14
CA GLU B 82 36.44 17.90 -1.19
C GLU B 82 35.03 18.14 -1.71
N PRO B 83 33.99 18.08 -0.85
CA PRO B 83 32.61 18.27 -1.35
C PRO B 83 32.34 19.61 -2.03
N GLY B 84 33.15 20.62 -1.69
CA GLY B 84 33.13 21.97 -2.26
C GLY B 84 31.85 22.78 -2.43
N PHE B 85 32.01 23.97 -3.02
CA PHE B 85 30.98 24.96 -3.33
C PHE B 85 30.85 25.07 -4.85
N LEU B 86 29.71 25.53 -5.32
CA LEU B 86 29.53 25.86 -6.74
C LEU B 86 28.99 27.27 -6.82
N THR B 87 29.39 28.03 -7.85
CA THR B 87 28.95 29.41 -7.99
C THR B 87 27.43 29.48 -8.24
N ALA B 88 26.85 30.66 -7.98
CA ALA B 88 25.42 30.86 -8.25
C ALA B 88 25.13 30.76 -9.75
N PHE B 89 26.15 30.96 -10.63
CA PHE B 89 25.98 30.80 -12.06
C PHE B 89 25.78 29.31 -12.35
N GLU B 90 26.65 28.44 -11.78
CA GLU B 90 26.53 27.00 -11.95
C GLU B 90 25.22 26.47 -11.38
N TYR B 91 24.77 27.05 -10.26
CA TYR B 91 23.50 26.67 -9.65
C TYR B 91 22.34 27.13 -10.54
N SER B 92 22.45 28.29 -11.18
CA SER B 92 21.42 28.79 -12.08
C SER B 92 21.25 27.88 -13.29
N GLU B 93 22.36 27.31 -13.80
CA GLU B 93 22.33 26.38 -14.91
C GLU B 93 21.57 25.10 -14.52
N LYS B 94 21.73 24.67 -13.27
CA LYS B 94 21.05 23.52 -12.72
C LYS B 94 19.53 23.82 -12.57
N ARG B 95 19.19 25.02 -12.06
CA ARG B 95 17.80 25.44 -11.87
C ARG B 95 17.05 25.74 -13.17
N LYS B 96 17.77 26.00 -14.26
CA LYS B 96 17.12 26.22 -15.56
C LYS B 96 16.37 24.95 -16.04
N MET B 97 16.77 23.76 -15.54
CA MET B 97 16.18 22.47 -15.85
C MET B 97 14.92 22.15 -15.04
N VAL B 98 14.59 22.96 -14.02
CA VAL B 98 13.45 22.75 -13.15
C VAL B 98 12.14 22.79 -13.93
N PHE B 99 11.30 21.78 -13.75
CA PHE B 99 10.01 21.69 -14.42
C PHE B 99 8.84 21.58 -13.44
N HIS B 100 7.61 21.66 -13.94
CA HIS B 100 6.42 21.50 -13.13
C HIS B 100 5.54 20.44 -13.79
N ILE B 101 4.93 19.56 -12.99
CA ILE B 101 4.03 18.55 -13.51
C ILE B 101 2.62 18.97 -13.18
N THR B 102 1.80 19.18 -14.20
CA THR B 102 0.42 19.60 -14.01
C THR B 102 -0.38 18.66 -13.14
N THR B 103 -1.19 19.24 -12.28
CA THR B 103 -2.07 18.48 -11.42
C THR B 103 -3.35 18.00 -12.14
N GLY B 104 -3.63 18.54 -13.32
CA GLY B 104 -4.86 18.26 -14.07
C GLY B 104 -5.86 19.39 -13.94
N SER B 105 -5.62 20.34 -13.01
CA SER B 105 -6.47 21.49 -12.75
C SER B 105 -5.65 22.75 -12.98
N GLN B 106 -6.13 23.64 -13.84
CA GLN B 106 -5.44 24.89 -14.12
C GLN B 106 -5.37 25.80 -12.90
N GLU B 107 -6.44 25.84 -12.08
CA GLU B 107 -6.48 26.66 -10.87
C GLU B 107 -5.47 26.17 -9.85
N PHE B 108 -5.37 24.84 -9.67
CA PHE B 108 -4.43 24.22 -8.76
C PHE B 108 -3.00 24.49 -9.25
N ASP B 109 -2.77 24.40 -10.57
CA ASP B 109 -1.46 24.68 -11.14
C ASP B 109 -1.03 26.10 -10.89
N LYS B 110 -1.96 27.08 -11.05
CA LYS B 110 -1.68 28.51 -10.81
C LYS B 110 -1.18 28.73 -9.39
N LEU B 111 -1.80 28.03 -8.43
CA LEU B 111 -1.47 28.07 -7.02
C LEU B 111 -0.03 27.58 -6.78
N LEU B 112 0.37 26.52 -7.50
CA LEU B 112 1.69 25.91 -7.37
C LEU B 112 2.79 26.52 -8.25
N GLY B 113 2.43 27.50 -9.07
CA GLY B 113 3.39 28.10 -9.99
C GLY B 113 3.69 27.24 -11.20
N GLY B 114 2.72 26.42 -11.59
CA GLY B 114 2.82 25.53 -12.74
C GLY B 114 2.45 24.08 -12.46
N GLY B 115 2.56 23.68 -11.20
CA GLY B 115 2.28 22.32 -10.79
C GLY B 115 3.32 21.79 -9.82
N ILE B 116 3.42 20.46 -9.72
CA ILE B 116 4.38 19.80 -8.84
C ILE B 116 5.78 20.08 -9.35
N GLU B 117 6.55 20.86 -8.61
CA GLU B 117 7.90 21.30 -9.00
C GLU B 117 9.01 20.25 -8.81
N SER B 118 9.96 20.19 -9.78
CA SER B 118 11.10 19.27 -9.65
C SER B 118 12.20 19.90 -8.79
N MET B 119 13.18 19.08 -8.33
CA MET B 119 14.24 19.50 -7.40
C MET B 119 13.60 20.03 -6.10
N ALA B 120 12.52 19.37 -5.64
CA ALA B 120 11.72 19.77 -4.48
C ALA B 120 10.73 18.68 -4.07
N ILE B 121 10.36 18.68 -2.77
CA ILE B 121 9.36 17.79 -2.20
C ILE B 121 8.08 18.57 -1.97
N THR B 122 6.97 18.10 -2.53
CA THR B 122 5.67 18.71 -2.35
C THR B 122 4.86 17.75 -1.51
N GLU B 123 4.28 18.24 -0.42
CA GLU B 123 3.51 17.39 0.49
C GLU B 123 2.06 17.79 0.46
N ALA B 124 1.16 16.83 0.37
CA ALA B 124 -0.28 17.12 0.40
C ALA B 124 -0.92 16.35 1.52
N PHE B 125 -1.66 17.04 2.39
CA PHE B 125 -2.30 16.39 3.52
C PHE B 125 -3.76 16.87 3.71
N GLY B 126 -4.52 16.12 4.49
CA GLY B 126 -5.91 16.43 4.80
C GLY B 126 -6.65 15.23 5.34
N GLU B 127 -7.98 15.22 5.20
CA GLU B 127 -8.77 14.06 5.62
C GLU B 127 -8.71 12.94 4.54
N PHE B 128 -9.18 11.73 4.89
CA PHE B 128 -9.20 10.62 3.91
C PHE B 128 -10.25 10.87 2.81
N ARG B 129 -11.32 11.62 3.10
CA ARG B 129 -12.34 11.91 2.09
C ARG B 129 -11.85 12.90 0.99
N THR B 130 -10.77 13.65 1.27
CA THR B 130 -10.15 14.60 0.33
C THR B 130 -9.34 13.84 -0.77
N GLY B 131 -8.97 14.55 -1.83
CA GLY B 131 -8.31 13.95 -2.98
C GLY B 131 -6.80 13.75 -2.98
N LYS B 132 -6.24 13.22 -1.88
CA LYS B 132 -4.80 12.94 -1.85
C LYS B 132 -4.50 11.79 -2.80
N THR B 133 -5.31 10.73 -2.75
CA THR B 133 -5.13 9.56 -3.62
C THR B 133 -5.48 9.88 -5.07
N GLN B 134 -6.47 10.76 -5.28
CA GLN B 134 -6.84 11.18 -6.63
C GLN B 134 -5.70 11.98 -7.25
N LEU B 135 -5.05 12.85 -6.48
CA LEU B 135 -3.92 13.61 -6.98
C LEU B 135 -2.73 12.69 -7.26
N SER B 136 -2.50 11.68 -6.41
CA SER B 136 -1.43 10.72 -6.61
C SER B 136 -1.64 9.96 -7.91
N HIS B 137 -2.86 9.48 -8.15
CA HIS B 137 -3.17 8.73 -9.35
C HIS B 137 -3.19 9.62 -10.61
N THR B 138 -3.66 10.87 -10.50
CA THR B 138 -3.68 11.77 -11.64
C THR B 138 -2.26 12.07 -12.11
N LEU B 139 -1.35 12.32 -11.16
CA LEU B 139 0.05 12.61 -11.47
C LEU B 139 0.71 11.44 -12.19
N CYS B 140 0.29 10.19 -11.91
CA CYS B 140 0.83 9.02 -12.60
C CYS B 140 0.63 9.12 -14.12
N VAL B 141 -0.41 9.83 -14.56
CA VAL B 141 -0.71 10.01 -15.97
C VAL B 141 -0.19 11.34 -16.48
N THR B 142 -0.49 12.46 -15.80
CA THR B 142 -0.01 13.78 -16.25
C THR B 142 1.51 13.91 -16.32
N ALA B 143 2.25 13.16 -15.48
CA ALA B 143 3.72 13.20 -15.56
C ALA B 143 4.25 12.58 -16.84
N GLN B 144 3.45 11.73 -17.53
CA GLN B 144 3.85 11.13 -18.80
C GLN B 144 3.51 12.00 -20.01
N LEU B 145 2.75 13.07 -19.81
CA LEU B 145 2.29 13.90 -20.91
C LEU B 145 3.17 15.10 -21.10
N PRO B 146 3.49 15.43 -22.35
CA PRO B 146 4.24 16.66 -22.62
C PRO B 146 3.44 17.87 -22.13
N GLY B 147 4.12 18.79 -21.47
CA GLY B 147 3.47 19.95 -20.90
C GLY B 147 4.14 21.28 -21.18
N ALA B 148 3.77 22.29 -20.38
CA ALA B 148 4.25 23.66 -20.51
C ALA B 148 5.75 23.74 -20.30
N GLY B 149 6.37 24.76 -20.90
CA GLY B 149 7.80 25.01 -20.78
C GLY B 149 8.69 23.91 -21.35
N GLY B 150 8.16 23.19 -22.32
CA GLY B 150 8.87 22.12 -22.98
C GLY B 150 9.03 20.86 -22.16
N TYR B 151 8.16 20.66 -21.14
CA TYR B 151 8.20 19.46 -20.31
C TYR B 151 7.88 18.26 -21.21
N PRO B 152 8.81 17.29 -21.35
CA PRO B 152 8.58 16.21 -22.32
C PRO B 152 7.78 15.01 -21.84
N GLY B 153 7.54 14.92 -20.55
CA GLY B 153 6.91 13.75 -19.97
C GLY B 153 7.98 12.75 -19.58
N GLY B 154 7.65 11.86 -18.65
CA GLY B 154 8.58 10.84 -18.21
C GLY B 154 7.96 9.76 -17.37
N LYS B 155 8.77 8.80 -16.95
CA LYS B 155 8.32 7.69 -16.13
C LYS B 155 8.16 8.09 -14.65
N ILE B 156 7.42 7.27 -13.89
CA ILE B 156 7.12 7.56 -12.49
C ILE B 156 7.48 6.38 -11.60
N ILE B 157 7.86 6.64 -10.35
CA ILE B 157 8.09 5.59 -9.37
C ILE B 157 7.10 5.85 -8.25
N PHE B 158 6.25 4.87 -7.96
CA PHE B 158 5.23 4.97 -6.92
C PHE B 158 5.55 4.02 -5.77
N ILE B 159 5.81 4.58 -4.57
CA ILE B 159 6.07 3.82 -3.35
C ILE B 159 4.81 3.89 -2.52
N ASP B 160 4.21 2.74 -2.31
CA ASP B 160 2.94 2.62 -1.63
C ASP B 160 3.08 2.01 -0.25
N THR B 161 2.72 2.77 0.77
CA THR B 161 2.74 2.29 2.16
C THR B 161 1.31 1.99 2.68
N GLU B 162 0.27 2.46 1.97
CA GLU B 162 -1.13 2.34 2.37
C GLU B 162 -1.93 1.22 1.70
N ASN B 163 -1.37 0.56 0.67
CA ASN B 163 -2.08 -0.44 -0.15
C ASN B 163 -3.27 0.23 -0.83
N THR B 164 -3.06 1.44 -1.38
CA THR B 164 -4.12 2.21 -2.04
C THR B 164 -3.91 2.38 -3.55
N PHE B 165 -2.72 2.07 -4.07
CA PHE B 165 -2.47 2.21 -5.51
C PHE B 165 -3.33 1.23 -6.28
N ARG B 166 -4.11 1.76 -7.23
CA ARG B 166 -4.99 0.95 -8.04
C ARG B 166 -4.79 1.25 -9.50
N PRO B 167 -4.09 0.38 -10.24
CA PRO B 167 -3.86 0.64 -11.68
C PRO B 167 -5.14 0.83 -12.49
N ASP B 168 -6.24 0.19 -12.08
CA ASP B 168 -7.52 0.36 -12.75
C ASP B 168 -7.98 1.84 -12.73
N ARG B 169 -7.62 2.57 -11.68
CA ARG B 169 -7.92 3.99 -11.51
C ARG B 169 -7.20 4.83 -12.58
N LEU B 170 -5.99 4.41 -12.96
CA LEU B 170 -5.21 5.09 -13.99
C LEU B 170 -5.80 4.93 -15.38
N ARG B 171 -6.56 3.86 -15.64
CA ARG B 171 -7.16 3.64 -16.94
C ARG B 171 -8.22 4.71 -17.23
N ASP B 172 -9.02 5.07 -16.24
CA ASP B 172 -10.05 6.11 -16.39
C ASP B 172 -9.41 7.48 -16.61
N ILE B 173 -8.27 7.74 -15.96
CA ILE B 173 -7.53 9.00 -16.10
C ILE B 173 -6.85 9.06 -17.47
N ALA B 174 -6.31 7.92 -17.93
CA ALA B 174 -5.70 7.82 -19.25
C ALA B 174 -6.73 8.06 -20.34
N ASP B 175 -7.99 7.63 -20.12
CA ASP B 175 -9.08 7.86 -21.06
C ASP B 175 -9.38 9.34 -21.19
N ARG B 176 -9.32 10.07 -20.06
CA ARG B 176 -9.56 11.51 -20.05
C ARG B 176 -8.48 12.24 -20.84
N PHE B 177 -7.23 11.81 -20.71
CA PHE B 177 -6.13 12.44 -21.45
C PHE B 177 -5.87 11.83 -22.85
N ASN B 178 -6.71 10.87 -23.27
CA ASN B 178 -6.68 10.21 -24.59
C ASN B 178 -5.34 9.48 -24.85
N VAL B 179 -4.87 8.76 -23.83
CA VAL B 179 -3.61 8.04 -23.89
C VAL B 179 -3.80 6.52 -23.62
N ASP B 180 -2.98 5.65 -24.26
CA ASP B 180 -3.12 4.19 -24.11
C ASP B 180 -2.97 3.68 -22.68
N HIS B 181 -3.84 2.75 -22.26
CA HIS B 181 -3.81 2.19 -20.90
C HIS B 181 -2.53 1.43 -20.60
N ASP B 182 -2.16 0.48 -21.46
CA ASP B 182 -0.97 -0.33 -21.24
C ASP B 182 0.31 0.47 -21.27
N ALA B 183 0.36 1.53 -22.10
CA ALA B 183 1.53 2.38 -22.18
C ALA B 183 1.67 3.20 -20.90
N VAL B 184 0.56 3.69 -20.34
CA VAL B 184 0.57 4.43 -19.07
C VAL B 184 1.06 3.51 -17.96
N LEU B 185 0.52 2.31 -17.90
CA LEU B 185 0.90 1.35 -16.88
C LEU B 185 2.33 0.85 -17.00
N ASP B 186 2.89 0.81 -18.23
CA ASP B 186 4.28 0.39 -18.40
C ASP B 186 5.29 1.45 -17.95
N ASN B 187 4.87 2.73 -17.92
CA ASN B 187 5.75 3.81 -17.50
C ASN B 187 5.69 4.14 -16.01
N VAL B 188 4.97 3.34 -15.21
CA VAL B 188 4.91 3.56 -13.77
C VAL B 188 5.54 2.37 -13.10
N LEU B 189 6.56 2.59 -12.28
CA LEU B 189 7.21 1.54 -11.52
C LEU B 189 6.57 1.57 -10.13
N TYR B 190 6.34 0.40 -9.55
CA TYR B 190 5.63 0.31 -8.29
C TYR B 190 6.29 -0.58 -7.27
N ALA B 191 6.20 -0.19 -5.98
CA ALA B 191 6.72 -0.98 -4.88
C ALA B 191 5.92 -0.74 -3.61
N ARG B 192 5.62 -1.81 -2.89
CA ARG B 192 4.93 -1.72 -1.61
C ARG B 192 6.00 -1.67 -0.53
N ALA B 193 5.88 -0.75 0.42
CA ALA B 193 6.79 -0.70 1.55
C ALA B 193 6.01 -1.22 2.76
N TYR B 194 6.53 -2.23 3.46
CA TYR B 194 5.83 -2.80 4.61
C TYR B 194 6.34 -2.29 5.96
N THR B 195 7.58 -1.79 6.01
CA THR B 195 8.21 -1.26 7.21
C THR B 195 8.94 0.05 6.89
N SER B 196 9.29 0.85 7.91
CA SER B 196 10.04 2.08 7.70
C SER B 196 11.44 1.78 7.15
N GLU B 197 12.05 0.67 7.61
CA GLU B 197 13.35 0.24 7.13
C GLU B 197 13.27 -0.10 5.66
N HIS B 198 12.21 -0.83 5.25
CA HIS B 198 11.98 -1.22 3.87
C HIS B 198 11.76 0.01 3.00
N GLN B 199 11.02 1.00 3.51
CA GLN B 199 10.76 2.26 2.81
C GLN B 199 12.08 2.98 2.48
N MET B 200 13.01 2.98 3.43
CA MET B 200 14.31 3.59 3.26
C MET B 200 15.18 2.80 2.28
N GLU B 201 15.14 1.46 2.35
CA GLU B 201 15.87 0.59 1.41
C GLU B 201 15.37 0.80 -0.02
N LEU B 202 14.06 1.06 -0.18
CA LEU B 202 13.47 1.31 -1.49
C LEU B 202 14.06 2.56 -2.11
N LEU B 203 14.36 3.58 -1.30
CA LEU B 203 15.00 4.79 -1.82
C LEU B 203 16.39 4.55 -2.39
N ASP B 204 17.07 3.47 -1.97
CA ASP B 204 18.37 3.11 -2.54
C ASP B 204 18.15 2.58 -3.97
N TYR B 205 17.11 1.76 -4.17
CA TYR B 205 16.77 1.23 -5.49
C TYR B 205 16.24 2.32 -6.41
N VAL B 206 15.52 3.32 -5.85
CA VAL B 206 14.99 4.45 -6.61
C VAL B 206 16.15 5.25 -7.18
N ALA B 207 17.16 5.56 -6.35
CA ALA B 207 18.31 6.33 -6.81
C ALA B 207 19.06 5.59 -7.92
N ALA B 208 19.22 4.27 -7.77
CA ALA B 208 19.90 3.45 -8.76
C ALA B 208 19.12 3.37 -10.06
N LYS B 209 17.78 3.32 -9.99
CA LYS B 209 16.93 3.29 -11.19
C LYS B 209 17.00 4.62 -11.93
N PHE B 210 17.01 5.75 -11.20
CA PHE B 210 17.14 7.08 -11.79
C PHE B 210 18.49 7.22 -12.48
N HIS B 211 19.54 6.66 -11.87
CA HIS B 211 20.89 6.68 -12.40
C HIS B 211 21.04 5.82 -13.69
N GLU B 212 20.22 4.75 -13.84
CA GLU B 212 20.25 3.88 -15.02
C GLU B 212 19.67 4.58 -16.25
N GLU B 213 18.37 4.93 -16.19
CA GLU B 213 17.65 5.60 -17.26
C GLU B 213 17.70 7.09 -16.98
N ALA B 214 18.87 7.71 -17.23
CA ALA B 214 19.09 9.13 -16.95
C ALA B 214 18.15 10.04 -17.73
N GLY B 215 17.45 10.90 -17.01
CA GLY B 215 16.50 11.83 -17.59
C GLY B 215 15.18 11.20 -18.03
N ILE B 216 14.99 9.91 -17.75
CA ILE B 216 13.79 9.19 -18.15
C ILE B 216 12.70 9.39 -17.11
N PHE B 217 13.02 9.20 -15.82
CA PHE B 217 12.04 9.37 -14.76
C PHE B 217 11.90 10.83 -14.35
N LYS B 218 10.66 11.28 -14.11
CA LYS B 218 10.42 12.68 -13.73
C LYS B 218 9.67 12.83 -12.42
N LEU B 219 9.07 11.76 -11.87
CA LEU B 219 8.29 11.88 -10.66
C LEU B 219 8.44 10.69 -9.71
N LEU B 220 8.58 10.98 -8.42
CA LEU B 220 8.65 9.98 -7.38
C LEU B 220 7.49 10.27 -6.42
N ILE B 221 6.56 9.34 -6.28
CA ILE B 221 5.40 9.49 -5.39
C ILE B 221 5.58 8.59 -4.21
N ILE B 222 5.37 9.12 -3.00
CA ILE B 222 5.42 8.31 -1.79
C ILE B 222 4.09 8.50 -1.07
N ASP B 223 3.21 7.52 -1.15
CA ASP B 223 1.90 7.59 -0.53
C ASP B 223 1.77 6.43 0.48
N SER B 224 1.93 6.70 1.79
CA SER B 224 2.22 8.01 2.36
C SER B 224 3.63 8.06 2.95
N ILE B 225 4.16 9.27 3.17
CA ILE B 225 5.53 9.45 3.62
C ILE B 225 5.82 8.95 5.04
N MET B 226 4.85 9.08 5.96
CA MET B 226 5.13 8.80 7.36
C MET B 226 4.36 7.76 8.10
N ALA B 227 3.33 7.14 7.50
CA ALA B 227 2.52 6.17 8.25
C ALA B 227 3.33 5.03 8.84
N LEU B 228 4.35 4.56 8.11
CA LEU B 228 5.20 3.48 8.60
C LEU B 228 6.07 3.90 9.78
N PHE B 229 6.44 5.18 9.86
CA PHE B 229 7.25 5.68 10.96
C PHE B 229 6.45 5.74 12.25
N ARG B 230 5.17 6.10 12.17
CA ARG B 230 4.30 6.09 13.34
C ARG B 230 4.12 4.64 13.84
N VAL B 231 3.97 3.69 12.91
CA VAL B 231 3.79 2.27 13.18
C VAL B 231 4.99 1.61 13.84
N ASP B 232 6.18 1.80 13.26
CA ASP B 232 7.40 1.17 13.77
C ASP B 232 7.91 1.75 15.10
N PHE B 233 7.58 3.02 15.37
CA PHE B 233 8.01 3.70 16.58
C PHE B 233 6.80 4.30 17.30
N SER B 234 5.96 3.39 17.87
CA SER B 234 4.71 3.70 18.57
C SER B 234 4.85 3.89 20.08
N GLY B 235 6.07 4.12 20.55
CA GLY B 235 6.34 4.37 21.96
C GLY B 235 6.90 5.76 22.16
N ARG B 236 6.78 6.29 23.39
CA ARG B 236 7.32 7.63 23.69
C ARG B 236 8.87 7.63 23.77
N GLY B 237 9.45 6.50 24.19
CA GLY B 237 10.90 6.34 24.29
C GLY B 237 11.57 6.12 22.94
N GLU B 238 10.83 5.50 22.00
CA GLU B 238 11.31 5.25 20.64
C GLU B 238 11.13 6.45 19.70
N LEU B 239 10.73 7.62 20.23
CA LEU B 239 10.53 8.81 19.39
C LEU B 239 11.84 9.42 18.92
N ALA B 240 12.92 9.28 19.71
CA ALA B 240 14.23 9.80 19.34
C ALA B 240 14.78 9.10 18.09
N GLU B 241 14.71 7.76 18.04
CA GLU B 241 15.17 7.01 16.87
C GLU B 241 14.22 7.21 15.68
N ARG B 242 12.93 7.43 15.93
CA ARG B 242 11.94 7.68 14.89
C ARG B 242 12.29 8.98 14.18
N GLN B 243 12.60 10.03 14.95
CA GLN B 243 12.94 11.34 14.41
C GLN B 243 14.23 11.29 13.60
N GLN B 244 15.21 10.53 14.06
CA GLN B 244 16.49 10.37 13.40
C GLN B 244 16.31 9.65 12.07
N LYS B 245 15.56 8.53 12.06
CA LYS B 245 15.32 7.76 10.84
C LYS B 245 14.49 8.53 9.85
N LEU B 246 13.50 9.29 10.33
CA LEU B 246 12.64 10.12 9.50
C LEU B 246 13.44 11.24 8.84
N ALA B 247 14.31 11.91 9.62
CA ALA B 247 15.15 12.99 9.09
C ALA B 247 16.16 12.45 8.09
N GLN B 248 16.70 11.25 8.32
CA GLN B 248 17.65 10.63 7.41
C GLN B 248 16.99 10.34 6.06
N MET B 249 15.75 9.86 6.09
CA MET B 249 15.03 9.55 4.85
C MET B 249 14.69 10.82 4.09
N LEU B 250 14.20 11.84 4.79
CA LEU B 250 13.81 13.09 4.16
C LEU B 250 14.99 13.86 3.59
N SER B 251 16.15 13.85 4.25
CA SER B 251 17.33 14.52 3.70
C SER B 251 17.81 13.77 2.45
N ARG B 252 17.72 12.42 2.44
CA ARG B 252 18.07 11.62 1.26
C ARG B 252 17.08 11.93 0.14
N LEU B 253 15.78 12.07 0.45
CA LEU B 253 14.74 12.38 -0.51
C LEU B 253 15.01 13.72 -1.19
N GLN B 254 15.43 14.73 -0.41
CA GLN B 254 15.74 16.05 -0.98
C GLN B 254 16.93 15.92 -1.94
N LYS B 255 17.96 15.15 -1.54
CA LYS B 255 19.14 14.90 -2.36
C LYS B 255 18.79 14.19 -3.65
N ILE B 256 17.87 13.23 -3.61
CA ILE B 256 17.43 12.52 -4.82
C ILE B 256 16.73 13.49 -5.76
N SER B 257 15.81 14.31 -5.23
CA SER B 257 15.06 15.28 -6.02
C SER B 257 15.96 16.30 -6.70
N GLU B 258 16.99 16.76 -6.00
CA GLU B 258 17.90 17.77 -6.51
C GLU B 258 19.01 17.21 -7.40
N GLU B 259 19.56 16.03 -7.08
CA GLU B 259 20.62 15.42 -7.89
C GLU B 259 20.09 14.87 -9.21
N TYR B 260 18.88 14.29 -9.18
CA TYR B 260 18.32 13.69 -10.38
C TYR B 260 17.23 14.51 -11.07
N ASN B 261 16.99 15.75 -10.61
CA ASN B 261 15.97 16.65 -11.18
C ASN B 261 14.61 15.97 -11.35
N VAL B 262 14.04 15.52 -10.24
CA VAL B 262 12.72 14.90 -10.26
C VAL B 262 11.82 15.60 -9.27
N ALA B 263 10.53 15.57 -9.54
CA ALA B 263 9.55 16.13 -8.61
C ALA B 263 9.25 15.01 -7.61
N VAL B 264 9.20 15.34 -6.32
CA VAL B 264 8.86 14.34 -5.32
C VAL B 264 7.52 14.74 -4.73
N PHE B 265 6.52 13.88 -4.85
CA PHE B 265 5.19 14.18 -4.31
C PHE B 265 4.88 13.19 -3.22
N VAL B 266 4.61 13.68 -2.01
CA VAL B 266 4.29 12.82 -0.90
C VAL B 266 2.97 13.20 -0.24
N THR B 267 2.25 12.20 0.25
CA THR B 267 1.00 12.44 0.95
C THR B 267 1.23 12.26 2.45
N ASN B 268 0.40 12.91 3.26
CA ASN B 268 0.55 12.84 4.70
C ASN B 268 -0.78 12.81 5.45
N GLN B 269 -0.76 12.32 6.69
CA GLN B 269 -1.94 12.25 7.55
C GLN B 269 -1.99 13.46 8.51
N MET B 270 -3.13 13.65 9.18
CA MET B 270 -3.26 14.73 10.15
C MET B 270 -3.67 14.18 11.53
N THR B 271 -3.44 14.98 12.59
CA THR B 271 -3.83 14.62 13.96
C THR B 271 -4.48 15.81 14.67
N PRO B 284 -6.67 20.79 17.20
CA PRO B 284 -6.73 21.24 15.80
C PRO B 284 -6.31 20.17 14.81
N LYS B 285 -6.66 20.36 13.53
CA LYS B 285 -6.27 19.42 12.48
C LYS B 285 -4.93 19.89 11.91
N LYS B 286 -3.83 19.28 12.38
CA LYS B 286 -2.47 19.63 11.95
C LYS B 286 -1.77 18.43 11.31
N PRO B 287 -0.91 18.65 10.29
CA PRO B 287 -0.22 17.50 9.67
C PRO B 287 0.80 16.86 10.62
N ILE B 288 0.99 15.55 10.50
CA ILE B 288 1.96 14.85 11.35
C ILE B 288 3.40 15.06 10.82
N GLY B 289 4.40 14.81 11.66
CA GLY B 289 5.79 14.96 11.27
C GLY B 289 6.57 16.09 11.90
N GLY B 290 5.85 17.01 12.54
CA GLY B 290 6.46 18.15 13.21
C GLY B 290 7.34 19.00 12.32
N HIS B 291 8.42 19.54 12.88
CA HIS B 291 9.35 20.36 12.14
C HIS B 291 10.14 19.58 11.10
N ILE B 292 10.35 18.26 11.30
CA ILE B 292 11.11 17.44 10.35
C ILE B 292 10.49 17.44 8.97
N LEU B 293 9.19 17.12 8.89
CA LEU B 293 8.51 17.10 7.60
C LEU B 293 8.26 18.50 7.08
N ALA B 294 7.99 19.47 7.96
CA ALA B 294 7.76 20.84 7.53
C ALA B 294 8.99 21.43 6.84
N HIS B 295 10.18 21.09 7.35
CA HIS B 295 11.43 21.58 6.81
C HIS B 295 11.74 20.93 5.45
N ALA B 296 11.62 19.60 5.37
CA ALA B 296 11.93 18.84 4.16
C ALA B 296 11.10 19.21 2.96
N SER B 297 9.81 19.48 3.19
CA SER B 297 8.90 19.86 2.13
C SER B 297 9.09 21.31 1.77
N THR B 298 9.23 21.58 0.47
CA THR B 298 9.37 22.95 0.00
C THR B 298 7.97 23.58 -0.18
N THR B 299 6.98 22.77 -0.57
CA THR B 299 5.60 23.23 -0.74
C THR B 299 4.67 22.29 0.03
N ARG B 300 3.83 22.82 0.91
CA ARG B 300 2.90 22.01 1.68
C ARG B 300 1.49 22.44 1.33
N ILE B 301 0.65 21.50 0.91
CA ILE B 301 -0.72 21.76 0.49
C ILE B 301 -1.71 21.08 1.39
N SER B 302 -2.64 21.86 1.90
CA SER B 302 -3.73 21.37 2.74
C SER B 302 -4.93 21.17 1.84
N LEU B 303 -5.49 19.97 1.82
CA LEU B 303 -6.66 19.65 1.00
C LEU B 303 -7.89 19.51 1.88
N ARG B 304 -8.98 20.15 1.49
CA ARG B 304 -10.22 20.07 2.24
C ARG B 304 -11.44 20.06 1.34
N LYS B 305 -12.57 19.57 1.85
CA LYS B 305 -13.79 19.53 1.06
C LYS B 305 -14.43 20.90 1.01
N GLY B 306 -14.94 21.26 -0.17
CA GLY B 306 -15.62 22.52 -0.40
C GLY B 306 -17.10 22.31 -0.58
N ARG B 307 -17.76 23.15 -1.38
CA ARG B 307 -19.19 23.03 -1.64
C ARG B 307 -19.49 21.73 -2.42
N GLY B 308 -20.36 20.90 -1.85
CA GLY B 308 -20.76 19.63 -2.46
C GLY B 308 -19.61 18.72 -2.82
N GLU B 309 -19.37 18.51 -4.11
CA GLU B 309 -18.30 17.63 -4.58
C GLU B 309 -16.98 18.37 -4.87
N LEU B 310 -16.94 19.71 -4.72
CA LEU B 310 -15.73 20.51 -4.99
C LEU B 310 -14.70 20.37 -3.87
N ARG B 311 -13.44 20.65 -4.15
CA ARG B 311 -12.36 20.59 -3.15
C ARG B 311 -11.53 21.88 -3.17
N ILE B 312 -10.87 22.18 -2.05
CA ILE B 312 -10.04 23.37 -1.92
C ILE B 312 -8.61 23.00 -1.54
N ALA B 313 -7.63 23.58 -2.23
CA ALA B 313 -6.22 23.38 -1.92
C ALA B 313 -5.66 24.71 -1.40
N LYS B 314 -4.89 24.67 -0.31
CA LYS B 314 -4.30 25.89 0.27
C LYS B 314 -2.85 25.65 0.67
N ILE B 315 -1.99 26.68 0.57
CA ILE B 315 -0.61 26.54 1.03
C ILE B 315 -0.66 26.57 2.56
N TYR B 316 -0.17 25.52 3.23
CA TYR B 316 -0.20 25.45 4.69
C TYR B 316 0.64 26.55 5.35
N ASP B 317 0.17 27.03 6.52
CA ASP B 317 0.78 28.07 7.36
C ASP B 317 0.83 29.46 6.70
N SER B 318 0.31 29.60 5.46
CA SER B 318 0.26 30.87 4.75
C SER B 318 -0.90 31.76 5.29
N PRO B 319 -0.83 33.10 5.13
CA PRO B 319 -1.92 33.95 5.64
C PRO B 319 -3.26 33.70 4.95
N GLU B 320 -4.36 34.10 5.61
CA GLU B 320 -5.69 33.89 5.05
C GLU B 320 -6.01 34.91 3.97
N MET B 321 -5.59 34.59 2.73
CA MET B 321 -5.79 35.42 1.55
C MET B 321 -6.19 34.55 0.33
N PRO B 322 -6.99 35.10 -0.62
CA PRO B 322 -7.45 34.30 -1.77
C PRO B 322 -6.36 33.74 -2.69
N GLU B 323 -5.24 34.46 -2.88
CA GLU B 323 -4.15 33.99 -3.74
C GLU B 323 -3.46 32.72 -3.20
N ASN B 324 -3.59 32.45 -1.90
CA ASN B 324 -3.04 31.23 -1.31
C ASN B 324 -4.03 30.04 -1.34
N GLU B 325 -5.16 30.16 -2.07
CA GLU B 325 -6.18 29.11 -2.17
C GLU B 325 -6.63 28.88 -3.61
N ALA B 326 -7.09 27.65 -3.93
CA ALA B 326 -7.56 27.28 -5.26
C ALA B 326 -8.67 26.23 -5.21
N THR B 327 -9.67 26.37 -6.08
CA THR B 327 -10.79 25.41 -6.11
C THR B 327 -10.61 24.41 -7.26
N PHE B 328 -10.81 23.12 -6.97
CA PHE B 328 -10.68 22.07 -7.98
C PHE B 328 -11.77 21.00 -7.84
N ALA B 329 -11.90 20.13 -8.84
CA ALA B 329 -12.90 19.07 -8.81
C ALA B 329 -12.29 17.68 -8.95
N ILE B 330 -12.98 16.66 -8.42
CA ILE B 330 -12.52 15.28 -8.53
C ILE B 330 -13.55 14.52 -9.35
N THR B 331 -13.11 13.91 -10.43
CA THR B 331 -13.98 13.15 -11.32
C THR B 331 -13.37 11.75 -11.58
N ALA B 332 -14.07 10.89 -12.36
CA ALA B 332 -13.50 9.59 -12.74
C ALA B 332 -12.19 9.76 -13.54
N GLY B 333 -12.02 10.92 -14.19
CA GLY B 333 -10.82 11.24 -14.94
C GLY B 333 -9.72 11.93 -14.14
N GLY B 334 -9.84 11.91 -12.81
CA GLY B 334 -8.87 12.50 -11.90
C GLY B 334 -9.10 13.94 -11.51
N ILE B 335 -8.05 14.60 -11.04
CA ILE B 335 -8.11 16.00 -10.62
C ILE B 335 -8.38 16.88 -11.83
N GLY B 336 -9.40 17.72 -11.75
CA GLY B 336 -9.75 18.62 -12.83
C GLY B 336 -10.25 19.96 -12.33
N ASP B 337 -10.81 20.76 -13.23
CA ASP B 337 -11.36 22.06 -12.83
C ASP B 337 -12.85 21.98 -12.54
N ALA B 338 -13.37 22.94 -11.77
CA ALA B 338 -14.78 23.00 -11.42
C ALA B 338 -15.63 23.31 -12.66
N LYS B 339 -16.88 22.82 -12.69
CA LYS B 339 -17.80 23.09 -13.80
C LYS B 339 -18.05 24.61 -14.03
N PRO C 5 24.40 8.55 -29.37
CA PRO C 5 23.13 9.19 -28.96
C PRO C 5 22.54 8.67 -27.64
N THR C 6 21.45 9.30 -27.17
CA THR C 6 20.82 8.90 -25.89
C THR C 6 19.35 8.45 -26.09
N LYS C 7 18.82 7.70 -25.10
CA LYS C 7 17.46 7.17 -25.09
C LYS C 7 16.46 8.23 -24.64
N VAL C 8 15.52 8.59 -25.52
CA VAL C 8 14.50 9.61 -25.25
C VAL C 8 13.17 8.97 -24.84
N PHE C 9 12.37 9.68 -24.03
CA PHE C 9 11.08 9.19 -23.60
C PHE C 9 10.05 9.37 -24.68
N VAL C 10 9.20 8.36 -24.86
CA VAL C 10 8.14 8.41 -25.85
C VAL C 10 6.82 8.41 -25.09
N PRO C 11 6.13 9.56 -24.98
CA PRO C 11 4.84 9.58 -24.27
C PRO C 11 3.89 8.44 -24.64
N PRO C 12 2.87 8.17 -23.83
CA PRO C 12 2.03 6.98 -24.08
C PRO C 12 0.92 7.15 -25.11
N PHE C 13 1.15 7.94 -26.17
CA PHE C 13 0.18 8.15 -27.22
C PHE C 13 -0.09 6.90 -28.02
N LYS C 14 0.98 6.26 -28.48
CA LYS C 14 0.90 5.06 -29.30
C LYS C 14 0.71 3.86 -28.42
N THR C 15 -0.15 2.94 -28.86
CA THR C 15 -0.39 1.69 -28.15
C THR C 15 0.88 0.83 -28.15
N LYS C 16 1.23 0.25 -27.01
CA LYS C 16 2.44 -0.57 -26.91
C LYS C 16 2.40 -1.81 -27.84
N SER C 17 3.56 -2.43 -28.08
CA SER C 17 3.63 -3.63 -28.92
C SER C 17 4.48 -4.73 -28.24
N VAL D 8 -5.36 -31.83 -2.67
CA VAL D 8 -6.26 -31.25 -3.66
C VAL D 8 -7.59 -30.84 -3.05
N PHE D 9 -8.21 -29.82 -3.62
CA PHE D 9 -9.48 -29.30 -3.13
C PHE D 9 -10.68 -29.94 -3.83
N VAL D 10 -11.58 -30.58 -3.05
CA VAL D 10 -12.79 -31.24 -3.51
C VAL D 10 -13.98 -30.30 -3.23
N PRO D 11 -14.43 -29.49 -4.22
CA PRO D 11 -15.53 -28.55 -3.98
C PRO D 11 -16.89 -29.22 -3.78
N PRO D 12 -17.51 -28.99 -2.61
CA PRO D 12 -18.78 -29.67 -2.31
C PRO D 12 -20.06 -28.95 -2.77
MG MG E . -3.76 -12.31 19.46
CL CL F . -21.76 -13.69 16.98
CL CL G . -7.45 10.53 0.72
#